data_8RV8
#
_entry.id   8RV8
#
_cell.length_a   168.131
_cell.length_b   168.131
_cell.length_c   52.131
_cell.angle_alpha   90.000
_cell.angle_beta   90.000
_cell.angle_gamma   120.000
#
_symmetry.space_group_name_H-M   'P 31 2 1'
#
loop_
_entity.id
_entity.type
_entity.pdbx_description
1 polymer "2'-O-methyltransferase nsp16"
2 polymer 'Non-structural protein 10'
3 non-polymer '2-(N-MORPHOLINO)-ETHANESULFONIC ACID'
4 non-polymer '5-[[(2~{S},3~{S},4~{R},5~{R})-5-(6-aminopurin-9-yl)-3,4-bis(oxidanyl)oxolan-2-yl]methylsulfanyl]-2-chloranyl-benzoic acid'
5 non-polymer GLYCEROL
6 non-polymer 'ZINC ION'
7 water water
#
loop_
_entity_poly.entity_id
_entity_poly.type
_entity_poly.pdbx_seq_one_letter_code
_entity_poly.pdbx_strand_id
1 'polypeptide(L)'
;GSMASSQAWQPGVAMPNLYKMQRMLLEKCDLQNYGDSATLPKGIMMNVAKYTQLCQYLNTLTLAVPYNMRVIHFGAGSDK
GVAPGTAVLRQWLPTGTLLVDSDLNDFVSDADSTLIGDCATVHTANKWDLIISDMYDPKTKNVTKENDSKEGFFTYICGF
IQQKLALGGSVAIKITEHSWNADLYKLMGHFAWWTAFVTNVNASSSEAFLIGCNYLGKPREQIDGYVMHANYIFWRNTNP
IQLSSYSLFDMSKFPLKLRGTAVMSLKEGQINDMILSLLSKGRLIIRENNRVVISSDVLVNN
;
A
2 'polypeptide(L)'
;GSMAGNATEVPANSTVLSFCAFAVDAAKAYKDYLASGGQPITNCVKMLCTHTGTGQAITVTPEANMDQESFGGASCCLYC
RCHIDHPNPKGFCDLKGKYVQIPTTCANDPVGFTLKNTVCTVCGMWKGYGCSCDQLREPMLQ
;
B
#
loop_
_chem_comp.id
_chem_comp.type
_chem_comp.name
_chem_comp.formula
A1H28 non-polymer '5-[[(2~{S},3~{S},4~{R},5~{R})-5-(6-aminopurin-9-yl)-3,4-bis(oxidanyl)oxolan-2-yl]methylsulfanyl]-2-chloranyl-benzoic acid' 'C17 H16 Cl N5 O5 S'
GOL non-polymer GLYCEROL 'C3 H8 O3'
MES non-polymer '2-(N-MORPHOLINO)-ETHANESULFONIC ACID' 'C6 H13 N O4 S'
ZN non-polymer 'ZINC ION' 'Zn 2'
#
# COMPACT_ATOMS: atom_id res chain seq x y z
N SER A 5 26.00 5.53 8.63
CA SER A 5 24.93 6.07 7.83
C SER A 5 23.80 6.66 8.69
N SER A 6 23.70 8.00 8.66
CA SER A 6 22.49 8.69 9.06
C SER A 6 21.25 8.16 8.37
N GLN A 7 21.42 7.42 7.27
CA GLN A 7 20.29 6.89 6.53
C GLN A 7 19.46 5.91 7.36
N ALA A 8 20.04 5.31 8.41
CA ALA A 8 19.34 4.26 9.13
C ALA A 8 18.12 4.77 9.89
N TRP A 9 18.03 6.07 10.16
CA TRP A 9 16.87 6.61 10.82
C TRP A 9 15.82 7.14 9.85
N GLN A 10 16.12 7.13 8.55
CA GLN A 10 15.14 7.48 7.52
CA GLN A 10 15.13 7.49 7.54
C GLN A 10 14.25 6.28 7.23
N PRO A 11 13.13 6.47 6.53
CA PRO A 11 12.33 5.28 6.14
C PRO A 11 12.99 4.46 5.05
N GLY A 12 13.97 5.01 4.34
CA GLY A 12 14.63 4.31 3.27
C GLY A 12 15.57 5.27 2.57
N VAL A 13 16.01 4.90 1.38
CA VAL A 13 16.99 5.69 0.64
C VAL A 13 16.50 5.87 -0.79
N ALA A 14 16.50 7.11 -1.25
CA ALA A 14 16.15 7.43 -2.63
C ALA A 14 17.41 7.54 -3.48
N MET A 15 17.27 7.14 -4.74
CA MET A 15 18.39 7.16 -5.69
C MET A 15 18.94 8.57 -5.82
N PRO A 16 20.20 8.83 -5.50
CA PRO A 16 20.74 10.19 -5.59
C PRO A 16 20.76 10.71 -7.02
N ASN A 17 20.53 12.02 -7.16
CA ASN A 17 20.35 12.61 -8.49
C ASN A 17 21.55 12.36 -9.39
N LEU A 18 22.76 12.37 -8.85
CA LEU A 18 23.92 12.18 -9.73
C LEU A 18 23.93 10.80 -10.36
N TYR A 19 23.40 9.79 -9.66
CA TYR A 19 23.31 8.47 -10.27
C TYR A 19 22.33 8.45 -11.43
N LYS A 20 21.26 9.24 -11.34
CA LYS A 20 20.31 9.32 -12.46
C LYS A 20 20.95 9.89 -13.71
N MET A 21 22.03 10.65 -13.57
CA MET A 21 22.64 11.34 -14.70
C MET A 21 23.73 10.54 -15.40
N GLN A 22 23.98 9.31 -14.98
CA GLN A 22 25.05 8.52 -15.57
C GLN A 22 24.55 7.83 -16.84
N ARG A 23 25.46 7.14 -17.52
CA ARG A 23 25.12 6.29 -18.67
C ARG A 23 25.79 4.94 -18.47
N MET A 24 25.34 4.22 -17.45
CA MET A 24 25.95 2.94 -17.13
C MET A 24 25.43 1.83 -18.03
N LEU A 25 26.25 0.81 -18.20
CA LEU A 25 25.79 -0.43 -18.81
C LEU A 25 25.16 -1.31 -17.74
N LEU A 26 24.19 -2.12 -18.15
CA LEU A 26 23.50 -2.98 -17.20
C LEU A 26 24.43 -4.09 -16.74
N GLU A 27 24.49 -4.30 -15.44
CA GLU A 27 25.23 -5.40 -14.83
C GLU A 27 24.30 -6.21 -13.96
N LYS A 28 24.76 -7.39 -13.56
CA LYS A 28 24.04 -8.15 -12.55
C LYS A 28 24.06 -7.39 -11.22
N CYS A 29 22.93 -7.46 -10.51
CA CYS A 29 22.82 -6.85 -9.20
C CYS A 29 23.41 -7.79 -8.16
N ASP A 30 24.38 -7.30 -7.40
CA ASP A 30 25.08 -8.10 -6.38
C ASP A 30 25.12 -7.27 -5.10
N LEU A 31 24.16 -7.48 -4.22
CA LEU A 31 24.03 -6.65 -3.04
C LEU A 31 24.90 -7.19 -1.92
N GLN A 32 25.69 -6.30 -1.33
CA GLN A 32 26.59 -6.70 -0.24
C GLN A 32 25.80 -7.33 0.91
N ASN A 33 24.65 -6.76 1.25
CA ASN A 33 23.84 -7.21 2.38
CA ASN A 33 23.88 -7.26 2.38
C ASN A 33 22.76 -8.20 1.95
N TYR A 34 22.93 -8.85 0.80
CA TYR A 34 22.00 -9.88 0.35
C TYR A 34 21.84 -10.96 1.42
N GLY A 35 20.61 -11.40 1.66
CA GLY A 35 20.36 -12.43 2.63
C GLY A 35 20.27 -11.98 4.08
N ASP A 36 20.76 -10.77 4.39
CA ASP A 36 20.50 -10.20 5.71
C ASP A 36 19.04 -9.77 5.81
N SER A 37 18.57 -9.65 7.06
CA SER A 37 17.18 -9.29 7.33
C SER A 37 17.13 -8.25 8.44
N ALA A 38 16.20 -7.31 8.32
CA ALA A 38 15.94 -6.38 9.41
C ALA A 38 15.18 -7.08 10.52
N THR A 39 15.37 -6.59 11.74
CA THR A 39 14.60 -7.09 12.88
C THR A 39 13.30 -6.29 12.95
N LEU A 40 12.20 -6.92 12.56
CA LEU A 40 10.93 -6.23 12.60
C LEU A 40 10.39 -6.18 14.03
N PRO A 41 9.60 -5.16 14.37
CA PRO A 41 8.92 -5.14 15.67
C PRO A 41 8.08 -6.40 15.85
N LYS A 42 7.91 -6.80 17.11
CA LYS A 42 7.25 -8.06 17.42
C LYS A 42 5.90 -8.18 16.73
N GLY A 43 5.74 -9.25 15.95
CA GLY A 43 4.46 -9.54 15.30
C GLY A 43 4.13 -8.72 14.09
N ILE A 44 5.02 -7.85 13.61
CA ILE A 44 4.73 -7.01 12.45
C ILE A 44 5.25 -7.72 11.19
N MET A 45 4.41 -7.80 10.16
CA MET A 45 4.76 -8.45 8.89
C MET A 45 5.63 -7.54 8.04
N MET A 46 6.49 -8.15 7.20
CA MET A 46 7.29 -7.37 6.25
C MET A 46 6.44 -6.44 5.39
N ASN A 47 5.29 -6.91 4.90
CA ASN A 47 4.52 -6.06 4.01
CA ASN A 47 4.48 -6.08 4.01
C ASN A 47 3.96 -4.84 4.74
N VAL A 48 3.63 -4.97 6.03
CA VAL A 48 3.18 -3.79 6.76
C VAL A 48 4.35 -2.84 6.97
N ALA A 49 5.52 -3.38 7.32
CA ALA A 49 6.69 -2.53 7.54
C ALA A 49 7.09 -1.82 6.26
N LYS A 50 7.08 -2.54 5.13
CA LYS A 50 7.51 -1.98 3.85
C LYS A 50 6.59 -0.85 3.41
N TYR A 51 5.27 -1.10 3.46
CA TYR A 51 4.34 -0.03 3.07
C TYR A 51 4.39 1.13 4.03
N THR A 52 4.61 0.87 5.32
CA THR A 52 4.71 1.98 6.27
C THR A 52 5.88 2.88 5.89
N GLN A 53 7.03 2.29 5.56
CA GLN A 53 8.19 3.09 5.18
C GLN A 53 7.98 3.80 3.84
N LEU A 54 7.29 3.14 2.88
CA LEU A 54 6.97 3.82 1.63
C LEU A 54 6.11 5.07 1.89
N CYS A 55 5.10 4.93 2.74
CA CYS A 55 4.23 6.06 3.04
C CYS A 55 4.97 7.15 3.81
N GLN A 56 5.85 6.76 4.73
CA GLN A 56 6.68 7.75 5.42
C GLN A 56 7.54 8.53 4.43
N TYR A 57 8.07 7.86 3.41
CA TYR A 57 8.84 8.60 2.41
C TYR A 57 7.93 9.48 1.56
N LEU A 58 6.75 8.97 1.17
CA LEU A 58 5.85 9.79 0.38
C LEU A 58 5.40 11.02 1.15
N ASN A 59 5.44 10.96 2.48
CA ASN A 59 5.12 12.14 3.28
C ASN A 59 6.09 13.29 3.04
N THR A 60 7.29 12.99 2.54
CA THR A 60 8.30 14.03 2.31
C THR A 60 8.19 14.69 0.94
N LEU A 61 7.29 14.22 0.07
CA LEU A 61 7.18 14.73 -1.28
C LEU A 61 5.97 15.64 -1.39
N THR A 62 5.89 16.36 -2.51
CA THR A 62 4.80 17.33 -2.73
C THR A 62 3.58 16.66 -3.36
N LEU A 63 3.05 15.66 -2.67
CA LEU A 63 1.86 14.98 -3.17
C LEU A 63 0.66 15.92 -3.15
N ALA A 64 -0.13 15.88 -4.21
CA ALA A 64 -1.45 16.51 -4.21
C ALA A 64 -2.42 15.68 -3.37
N VAL A 65 -3.12 16.33 -2.44
CA VAL A 65 -4.02 15.61 -1.55
C VAL A 65 -5.36 16.35 -1.55
N PRO A 66 -6.22 16.11 -2.54
CA PRO A 66 -7.51 16.81 -2.59
C PRO A 66 -8.53 16.19 -1.62
N TYR A 67 -9.63 16.92 -1.44
CA TYR A 67 -10.81 16.29 -0.85
C TYR A 67 -11.29 15.20 -1.80
N ASN A 68 -11.88 14.15 -1.24
CA ASN A 68 -12.38 13.03 -2.05
C ASN A 68 -11.25 12.44 -2.89
N MET A 69 -10.08 12.32 -2.28
CA MET A 69 -8.94 11.74 -2.96
C MET A 69 -9.25 10.32 -3.42
N ARG A 70 -8.68 9.94 -4.56
CA ARG A 70 -8.92 8.65 -5.20
C ARG A 70 -7.60 7.92 -5.37
N VAL A 71 -7.50 6.73 -4.78
CA VAL A 71 -6.27 5.95 -4.79
C VAL A 71 -6.59 4.54 -5.23
N ILE A 72 -5.77 3.99 -6.14
CA ILE A 72 -5.94 2.63 -6.60
C ILE A 72 -4.64 1.86 -6.36
N HIS A 73 -4.78 0.63 -5.88
CA HIS A 73 -3.67 -0.19 -5.39
C HIS A 73 -3.69 -1.53 -6.11
N PHE A 74 -2.72 -1.74 -7.02
CA PHE A 74 -2.60 -3.00 -7.76
C PHE A 74 -1.63 -3.96 -7.08
N GLY A 75 -1.94 -5.25 -7.15
CA GLY A 75 -1.13 -6.28 -6.52
C GLY A 75 -1.31 -6.34 -5.03
N ALA A 76 -2.53 -6.14 -4.55
CA ALA A 76 -2.80 -5.91 -3.12
C ALA A 76 -3.04 -7.17 -2.32
N GLY A 77 -3.14 -8.34 -2.97
CA GLY A 77 -3.41 -9.57 -2.25
C GLY A 77 -2.13 -10.21 -1.73
N SER A 78 -2.29 -11.18 -0.85
CA SER A 78 -1.15 -11.95 -0.37
C SER A 78 -1.48 -13.42 -0.49
N ASP A 79 -0.47 -14.27 -0.35
CA ASP A 79 -0.75 -15.71 -0.32
C ASP A 79 -1.48 -16.12 0.94
N LYS A 80 -1.67 -15.20 1.89
CA LYS A 80 -2.50 -15.45 3.05
C LYS A 80 -3.93 -14.98 2.86
N GLY A 81 -4.24 -14.39 1.71
CA GLY A 81 -5.60 -13.99 1.42
C GLY A 81 -6.06 -12.72 2.10
N VAL A 82 -5.13 -11.87 2.55
CA VAL A 82 -5.46 -10.59 3.14
C VAL A 82 -4.63 -9.52 2.41
N ALA A 83 -4.78 -8.26 2.81
CA ALA A 83 -4.21 -7.12 2.08
C ALA A 83 -3.50 -6.20 3.05
N PRO A 84 -2.29 -6.58 3.50
CA PRO A 84 -1.58 -5.75 4.49
C PRO A 84 -1.22 -4.38 3.95
N GLY A 85 -0.82 -4.30 2.68
CA GLY A 85 -0.48 -2.99 2.13
C GLY A 85 -1.68 -2.07 2.04
N THR A 86 -2.82 -2.61 1.63
CA THR A 86 -4.05 -1.81 1.64
C THR A 86 -4.37 -1.32 3.04
N ALA A 87 -4.16 -2.15 4.06
CA ALA A 87 -4.43 -1.72 5.43
C ALA A 87 -3.55 -0.54 5.83
N VAL A 88 -2.28 -0.54 5.39
CA VAL A 88 -1.41 0.61 5.69
C VAL A 88 -1.85 1.83 4.90
N LEU A 89 -2.20 1.67 3.61
CA LEU A 89 -2.65 2.82 2.83
C LEU A 89 -3.88 3.44 3.45
N ARG A 90 -4.80 2.61 3.94
CA ARG A 90 -6.03 3.15 4.53
C ARG A 90 -5.72 3.89 5.83
N GLN A 91 -4.71 3.41 6.57
CA GLN A 91 -4.26 4.11 7.77
C GLN A 91 -3.65 5.46 7.42
N TRP A 92 -2.88 5.49 6.35
CA TRP A 92 -2.13 6.68 5.94
C TRP A 92 -3.03 7.76 5.34
N LEU A 93 -3.96 7.38 4.46
CA LEU A 93 -4.72 8.33 3.66
C LEU A 93 -5.78 9.02 4.51
N PRO A 94 -6.15 10.26 4.16
CA PRO A 94 -7.16 10.96 4.95
C PRO A 94 -8.47 10.18 4.98
N THR A 95 -9.15 10.26 6.13
CA THR A 95 -10.45 9.63 6.25
C THR A 95 -11.37 10.10 5.14
N GLY A 96 -12.10 9.16 4.54
CA GLY A 96 -12.95 9.48 3.41
C GLY A 96 -12.29 9.33 2.05
N THR A 97 -10.98 9.09 2.00
CA THR A 97 -10.33 8.81 0.73
C THR A 97 -10.93 7.55 0.12
N LEU A 98 -11.22 7.60 -1.17
CA LEU A 98 -11.72 6.41 -1.86
C LEU A 98 -10.53 5.54 -2.27
N LEU A 99 -10.50 4.31 -1.80
CA LEU A 99 -9.38 3.39 -2.01
C LEU A 99 -9.92 2.13 -2.68
N VAL A 100 -9.38 1.81 -3.86
CA VAL A 100 -9.76 0.61 -4.60
C VAL A 100 -8.51 -0.25 -4.72
N ASP A 101 -8.65 -1.57 -4.54
CA ASP A 101 -7.47 -2.42 -4.74
C ASP A 101 -7.83 -3.62 -5.60
N SER A 102 -6.80 -4.37 -5.99
CA SER A 102 -6.99 -5.40 -7.00
C SER A 102 -5.83 -6.39 -6.94
N ASP A 103 -6.12 -7.63 -7.32
CA ASP A 103 -5.12 -8.68 -7.41
C ASP A 103 -5.67 -9.78 -8.31
N LEU A 104 -4.75 -10.58 -8.85
CA LEU A 104 -5.11 -11.76 -9.63
C LEU A 104 -5.88 -12.77 -8.79
N ASN A 105 -5.49 -12.94 -7.52
CA ASN A 105 -6.04 -13.96 -6.66
C ASN A 105 -6.95 -13.35 -5.60
N ASP A 106 -7.96 -14.12 -5.17
CA ASP A 106 -8.93 -13.58 -4.24
C ASP A 106 -8.28 -13.28 -2.89
N PHE A 107 -8.78 -12.22 -2.25
CA PHE A 107 -8.28 -11.83 -0.95
C PHE A 107 -9.36 -10.96 -0.34
N VAL A 108 -9.27 -10.75 0.97
CA VAL A 108 -10.20 -9.88 1.66
C VAL A 108 -9.47 -8.62 2.10
N SER A 109 -10.15 -7.50 2.03
CA SER A 109 -9.48 -6.22 2.03
C SER A 109 -10.30 -5.18 2.78
N ASP A 110 -9.59 -4.17 3.29
CA ASP A 110 -10.21 -3.00 3.89
C ASP A 110 -10.48 -1.89 2.88
N ALA A 111 -10.19 -2.09 1.60
CA ALA A 111 -10.46 -1.09 0.59
C ALA A 111 -11.96 -0.87 0.43
N ASP A 112 -12.32 0.29 -0.12
CA ASP A 112 -13.75 0.54 -0.39
C ASP A 112 -14.29 -0.39 -1.47
N SER A 113 -13.46 -0.80 -2.41
CA SER A 113 -13.89 -1.78 -3.39
C SER A 113 -12.68 -2.57 -3.84
N THR A 114 -12.91 -3.84 -4.19
CA THR A 114 -11.84 -4.75 -4.56
C THR A 114 -12.22 -5.49 -5.84
N LEU A 115 -11.30 -5.53 -6.81
CA LEU A 115 -11.53 -6.25 -8.06
C LEU A 115 -10.55 -7.41 -8.15
N ILE A 116 -11.07 -8.60 -8.46
CA ILE A 116 -10.25 -9.80 -8.55
C ILE A 116 -10.09 -10.20 -10.01
N GLY A 117 -8.85 -10.36 -10.44
CA GLY A 117 -8.56 -10.69 -11.83
C GLY A 117 -7.24 -10.05 -12.25
N ASP A 118 -6.77 -10.46 -13.44
CA ASP A 118 -5.58 -9.83 -14.00
C ASP A 118 -5.79 -8.33 -14.12
N CYS A 119 -4.73 -7.56 -13.82
CA CYS A 119 -4.89 -6.11 -13.84
C CYS A 119 -5.37 -5.61 -15.21
N ALA A 120 -5.04 -6.34 -16.29
CA ALA A 120 -5.46 -5.90 -17.62
C ALA A 120 -6.97 -5.94 -17.78
N THR A 121 -7.69 -6.64 -16.91
CA THR A 121 -9.15 -6.66 -16.96
C THR A 121 -9.79 -5.47 -16.24
N VAL A 122 -9.01 -4.64 -15.57
CA VAL A 122 -9.55 -3.56 -14.74
C VAL A 122 -9.74 -2.31 -15.58
N HIS A 123 -10.96 -1.76 -15.57
CA HIS A 123 -11.26 -0.51 -16.23
C HIS A 123 -11.95 0.43 -15.26
N THR A 124 -11.66 1.72 -15.37
CA THR A 124 -12.28 2.70 -14.50
C THR A 124 -12.75 3.88 -15.32
N ALA A 125 -13.93 4.40 -14.99
CA ALA A 125 -14.45 5.56 -15.69
C ALA A 125 -13.65 6.81 -15.32
N ASN A 126 -13.20 6.88 -14.07
CA ASN A 126 -12.63 8.08 -13.49
C ASN A 126 -11.11 8.04 -13.59
N LYS A 127 -10.49 9.20 -13.36
CA LYS A 127 -9.05 9.30 -13.16
C LYS A 127 -8.72 9.24 -11.67
N TRP A 128 -7.43 9.01 -11.37
CA TRP A 128 -6.97 8.74 -10.02
C TRP A 128 -5.92 9.77 -9.61
N ASP A 129 -5.78 9.97 -8.29
CA ASP A 129 -4.81 10.92 -7.75
C ASP A 129 -3.50 10.25 -7.36
N LEU A 130 -3.52 8.94 -7.11
CA LEU A 130 -2.36 8.18 -6.65
C LEU A 130 -2.55 6.74 -7.09
N ILE A 131 -1.52 6.16 -7.72
CA ILE A 131 -1.51 4.77 -8.13
C ILE A 131 -0.36 4.08 -7.42
N ILE A 132 -0.65 3.01 -6.69
CA ILE A 132 0.35 2.20 -6.00
C ILE A 132 0.33 0.81 -6.63
N SER A 133 1.51 0.26 -6.95
CA SER A 133 1.56 -1.13 -7.45
C SER A 133 2.67 -1.89 -6.76
N ASP A 134 2.36 -3.09 -6.30
CA ASP A 134 3.31 -4.05 -5.79
CA ASP A 134 3.47 -3.97 -5.93
C ASP A 134 3.38 -5.29 -6.69
N MET A 135 2.79 -5.24 -7.88
CA MET A 135 2.76 -6.40 -8.76
C MET A 135 4.18 -6.84 -9.09
N TYR A 136 4.37 -8.16 -9.14
CA TYR A 136 5.67 -8.75 -9.37
C TYR A 136 5.45 -10.19 -9.81
N ASP A 137 6.15 -10.61 -10.85
CA ASP A 137 6.08 -12.00 -11.32
C ASP A 137 7.40 -12.68 -10.98
N PRO A 138 7.41 -13.61 -10.02
CA PRO A 138 8.70 -14.17 -9.59
C PRO A 138 9.43 -14.95 -10.67
N LYS A 139 8.75 -15.29 -11.76
CA LYS A 139 9.40 -15.93 -12.90
C LYS A 139 10.39 -15.00 -13.60
N THR A 140 10.33 -13.68 -13.35
CA THR A 140 11.29 -12.79 -13.97
C THR A 140 12.70 -13.02 -13.42
N LYS A 141 12.82 -13.54 -12.20
CA LYS A 141 14.14 -13.72 -11.59
C LYS A 141 14.84 -14.92 -12.21
N ASN A 142 15.23 -14.80 -13.47
CA ASN A 142 15.99 -15.84 -14.16
C ASN A 142 17.40 -15.28 -14.39
N VAL A 143 18.32 -15.62 -13.49
CA VAL A 143 19.70 -15.13 -13.59
C VAL A 143 20.43 -15.70 -14.80
N THR A 144 19.85 -16.65 -15.51
CA THR A 144 20.56 -17.36 -16.58
C THR A 144 20.28 -16.82 -17.97
N LYS A 145 19.36 -15.86 -18.13
CA LYS A 145 19.17 -15.24 -19.44
C LYS A 145 19.26 -13.72 -19.30
N GLU A 146 19.42 -13.08 -20.46
CA GLU A 146 19.55 -11.64 -20.54
C GLU A 146 18.42 -10.93 -19.82
N ASN A 147 18.75 -9.84 -19.15
CA ASN A 147 17.79 -9.08 -18.36
C ASN A 147 17.26 -7.94 -19.24
N ASP A 148 16.20 -8.21 -19.99
CA ASP A 148 15.62 -7.20 -20.88
C ASP A 148 14.37 -6.61 -20.25
N SER A 149 13.90 -5.51 -20.86
CA SER A 149 12.68 -4.86 -20.40
C SER A 149 11.51 -5.83 -20.44
N LYS A 150 10.69 -5.83 -19.38
CA LYS A 150 9.59 -6.78 -19.24
C LYS A 150 8.28 -6.11 -19.64
N GLU A 151 7.36 -6.92 -20.14
CA GLU A 151 6.06 -6.38 -20.52
C GLU A 151 5.01 -6.81 -19.50
N GLY A 152 4.06 -7.64 -19.91
CA GLY A 152 3.08 -8.12 -18.93
C GLY A 152 2.37 -6.95 -18.29
N PHE A 153 2.24 -6.98 -16.95
CA PHE A 153 1.49 -5.92 -16.28
C PHE A 153 2.12 -4.55 -16.47
N PHE A 154 3.41 -4.47 -16.80
CA PHE A 154 4.00 -3.15 -17.01
C PHE A 154 3.37 -2.43 -18.18
N THR A 155 2.97 -3.18 -19.22
CA THR A 155 2.30 -2.54 -20.36
C THR A 155 0.98 -1.92 -19.92
N TYR A 156 0.22 -2.65 -19.10
CA TYR A 156 -1.03 -2.12 -18.56
C TYR A 156 -0.77 -0.87 -17.72
N ILE A 157 0.21 -0.94 -16.82
CA ILE A 157 0.47 0.18 -15.91
C ILE A 157 0.84 1.43 -16.68
N CYS A 158 1.68 1.30 -17.72
CA CYS A 158 2.06 2.46 -18.52
C CYS A 158 0.85 3.10 -19.17
N GLY A 159 -0.03 2.28 -19.76
CA GLY A 159 -1.24 2.85 -20.35
C GLY A 159 -2.18 3.42 -19.31
N PHE A 160 -2.27 2.76 -18.16
CA PHE A 160 -3.16 3.25 -17.10
C PHE A 160 -2.70 4.61 -16.60
N ILE A 161 -1.39 4.80 -16.46
CA ILE A 161 -0.89 6.11 -16.05
C ILE A 161 -1.25 7.17 -17.08
N GLN A 162 -1.02 6.87 -18.35
CA GLN A 162 -1.23 7.88 -19.39
C GLN A 162 -2.72 8.19 -19.58
N GLN A 163 -3.59 7.20 -19.36
CA GLN A 163 -5.02 7.40 -19.60
C GLN A 163 -5.81 7.77 -18.36
N LYS A 164 -5.39 7.33 -17.16
CA LYS A 164 -6.26 7.44 -15.99
C LYS A 164 -5.58 8.07 -14.76
N LEU A 165 -4.38 8.64 -14.90
CA LEU A 165 -3.79 9.40 -13.81
C LEU A 165 -4.10 10.88 -14.01
N ALA A 166 -4.71 11.49 -12.99
CA ALA A 166 -4.96 12.93 -13.04
C ALA A 166 -3.65 13.70 -13.17
N LEU A 167 -3.67 14.78 -13.94
CA LEU A 167 -2.55 15.71 -13.88
C LEU A 167 -2.35 16.17 -12.45
N GLY A 168 -1.10 16.24 -12.02
CA GLY A 168 -0.77 16.50 -10.64
C GLY A 168 -0.69 15.25 -9.77
N GLY A 169 -1.22 14.11 -10.23
CA GLY A 169 -1.20 12.90 -9.42
C GLY A 169 0.19 12.26 -9.40
N SER A 170 0.34 11.22 -8.58
CA SER A 170 1.64 10.58 -8.40
C SER A 170 1.48 9.06 -8.43
N VAL A 171 2.62 8.35 -8.55
CA VAL A 171 2.61 6.89 -8.61
C VAL A 171 3.78 6.36 -7.78
N ALA A 172 3.63 5.12 -7.31
CA ALA A 172 4.73 4.37 -6.73
C ALA A 172 4.59 2.94 -7.24
N ILE A 173 5.51 2.52 -8.11
CA ILE A 173 5.38 1.25 -8.83
C ILE A 173 6.60 0.39 -8.48
N LYS A 174 6.34 -0.80 -7.94
CA LYS A 174 7.44 -1.69 -7.55
C LYS A 174 8.20 -2.20 -8.77
N ILE A 175 9.53 -2.14 -8.68
CA ILE A 175 10.43 -2.78 -9.64
C ILE A 175 11.44 -3.61 -8.86
N THR A 176 12.19 -4.44 -9.59
CA THR A 176 13.32 -5.19 -9.02
C THR A 176 14.42 -5.20 -10.07
N GLU A 177 15.52 -5.90 -9.80
CA GLU A 177 16.56 -6.00 -10.83
C GLU A 177 15.99 -6.59 -12.13
N HIS A 178 15.17 -7.64 -12.02
CA HIS A 178 14.63 -8.31 -13.21
C HIS A 178 13.22 -7.90 -13.57
N SER A 179 12.47 -7.29 -12.65
CA SER A 179 11.08 -6.87 -12.94
C SER A 179 11.07 -5.36 -13.16
N TRP A 180 11.17 -4.94 -14.42
CA TRP A 180 11.26 -3.53 -14.77
C TRP A 180 10.85 -3.39 -16.23
N ASN A 181 10.63 -2.15 -16.64
CA ASN A 181 10.13 -1.84 -17.97
C ASN A 181 10.71 -0.49 -18.41
N ALA A 182 11.26 -0.45 -19.62
CA ALA A 182 11.92 0.76 -20.08
C ALA A 182 10.92 1.91 -20.26
N ASP A 183 9.73 1.61 -20.78
CA ASP A 183 8.75 2.66 -20.99
C ASP A 183 8.29 3.28 -19.67
N LEU A 184 8.27 2.50 -18.59
CA LEU A 184 7.88 3.05 -17.30
C LEU A 184 8.91 4.06 -16.79
N TYR A 185 10.20 3.75 -16.96
CA TYR A 185 11.22 4.75 -16.65
C TYR A 185 11.07 5.99 -17.54
N LYS A 186 10.83 5.78 -18.83
CA LYS A 186 10.64 6.92 -19.72
C LYS A 186 9.48 7.78 -19.24
N LEU A 187 8.39 7.14 -18.77
CA LEU A 187 7.24 7.87 -18.23
C LEU A 187 7.59 8.68 -16.99
N MET A 188 8.61 8.27 -16.22
CA MET A 188 9.01 9.08 -15.08
C MET A 188 9.40 10.49 -15.50
N GLY A 189 9.88 10.65 -16.73
CA GLY A 189 10.17 11.98 -17.24
C GLY A 189 8.95 12.82 -17.55
N HIS A 190 7.74 12.28 -17.38
CA HIS A 190 6.51 13.04 -17.56
C HIS A 190 5.95 13.54 -16.24
N PHE A 191 6.72 13.44 -15.17
CA PHE A 191 6.38 14.00 -13.87
C PHE A 191 7.33 15.15 -13.56
N ALA A 192 6.93 15.99 -12.60
CA ALA A 192 7.79 17.09 -12.18
C ALA A 192 9.06 16.58 -11.51
N TRP A 193 9.01 15.39 -10.92
CA TRP A 193 10.16 14.81 -10.24
C TRP A 193 9.94 13.30 -10.17
N TRP A 194 11.03 12.55 -10.02
CA TRP A 194 10.91 11.10 -9.91
C TRP A 194 12.10 10.57 -9.13
N THR A 195 11.95 9.35 -8.59
CA THR A 195 13.09 8.68 -7.97
C THR A 195 12.82 7.17 -7.94
N ALA A 196 13.83 6.42 -7.55
CA ALA A 196 13.68 5.02 -7.19
C ALA A 196 13.97 4.92 -5.70
N PHE A 197 12.98 4.44 -4.93
CA PHE A 197 13.06 4.46 -3.47
C PHE A 197 13.16 3.05 -2.91
N VAL A 198 14.15 2.85 -2.02
CA VAL A 198 14.41 1.55 -1.39
C VAL A 198 14.01 1.66 0.08
N THR A 199 13.11 0.80 0.55
CA THR A 199 12.79 0.81 1.97
C THR A 199 13.95 0.27 2.79
N ASN A 200 14.14 0.85 3.98
CA ASN A 200 15.22 0.37 4.84
C ASN A 200 14.95 -1.03 5.38
N VAL A 201 13.68 -1.44 5.53
CA VAL A 201 13.44 -2.80 6.02
C VAL A 201 13.73 -3.86 4.97
N ASN A 202 13.69 -3.52 3.69
CA ASN A 202 13.88 -4.51 2.63
C ASN A 202 15.10 -4.19 1.78
N ALA A 203 16.07 -3.47 2.37
CA ALA A 203 17.24 -2.98 1.65
C ALA A 203 18.16 -4.09 1.15
N SER A 204 17.98 -5.32 1.63
CA SER A 204 18.75 -6.46 1.14
C SER A 204 18.21 -7.00 -0.18
N SER A 205 17.13 -6.43 -0.72
CA SER A 205 16.54 -6.85 -1.98
C SER A 205 16.76 -5.78 -3.04
N SER A 206 16.80 -6.19 -4.32
CA SER A 206 16.90 -5.24 -5.42
C SER A 206 15.57 -4.54 -5.69
N GLU A 207 14.53 -4.85 -4.91
CA GLU A 207 13.28 -4.10 -4.99
C GLU A 207 13.51 -2.60 -4.81
N ALA A 208 12.74 -1.80 -5.55
CA ALA A 208 12.59 -0.39 -5.26
C ALA A 208 11.19 0.01 -5.71
N PHE A 209 10.72 1.15 -5.23
CA PHE A 209 9.50 1.75 -5.76
C PHE A 209 9.88 2.91 -6.67
N LEU A 210 9.49 2.81 -7.95
CA LEU A 210 9.67 3.90 -8.89
C LEU A 210 8.56 4.91 -8.65
N ILE A 211 8.93 6.11 -8.21
CA ILE A 211 7.97 7.10 -7.75
C ILE A 211 7.97 8.25 -8.75
N GLY A 212 6.80 8.54 -9.30
CA GLY A 212 6.63 9.70 -10.17
C GLY A 212 5.82 10.70 -9.39
N CYS A 213 6.34 11.91 -9.19
CA CYS A 213 5.75 12.90 -8.30
C CYS A 213 5.22 14.07 -9.12
N ASN A 214 3.88 14.22 -9.14
CA ASN A 214 3.14 15.27 -9.84
C ASN A 214 3.18 15.13 -11.36
N TYR A 215 2.18 14.46 -11.90
CA TYR A 215 2.15 14.10 -13.31
C TYR A 215 1.84 15.32 -14.18
N LEU A 216 2.60 15.50 -15.25
CA LEU A 216 2.43 16.66 -16.13
C LEU A 216 1.81 16.32 -17.48
N GLY A 217 1.70 15.04 -17.82
CA GLY A 217 1.05 14.61 -19.05
C GLY A 217 1.83 14.82 -20.33
N LYS A 218 3.11 15.18 -20.23
CA LYS A 218 3.98 15.39 -21.38
C LYS A 218 5.41 15.24 -20.91
N PRO A 219 6.33 14.94 -21.82
CA PRO A 219 7.74 14.76 -21.40
C PRO A 219 8.33 16.09 -20.92
N ARG A 220 8.70 16.13 -19.65
CA ARG A 220 9.50 17.22 -19.12
C ARG A 220 10.98 16.98 -19.41
N GLU A 221 11.41 15.73 -19.33
CA GLU A 221 12.75 15.33 -19.72
C GLU A 221 12.66 14.01 -20.45
N GLN A 222 13.64 13.78 -21.32
CA GLN A 222 13.71 12.56 -22.10
C GLN A 222 14.59 11.54 -21.35
N ILE A 223 14.00 10.42 -20.99
CA ILE A 223 14.70 9.37 -20.25
C ILE A 223 14.76 8.12 -21.11
N ASP A 224 15.97 7.58 -21.26
CA ASP A 224 16.18 6.26 -21.86
C ASP A 224 16.04 5.24 -20.74
N GLY A 225 15.01 4.39 -20.81
CA GLY A 225 14.72 3.49 -19.70
C GLY A 225 15.71 2.36 -19.55
N TYR A 226 16.31 1.91 -20.65
CA TYR A 226 17.35 0.89 -20.55
CA TYR A 226 17.36 0.90 -20.55
C TYR A 226 18.56 1.45 -19.81
N VAL A 227 18.97 2.67 -20.15
CA VAL A 227 20.07 3.32 -19.44
C VAL A 227 19.71 3.57 -17.99
N MET A 228 18.47 4.04 -17.73
CA MET A 228 18.15 4.42 -16.36
C MET A 228 18.10 3.21 -15.44
N HIS A 229 17.61 2.07 -15.95
CA HIS A 229 17.63 0.88 -15.09
C HIS A 229 19.05 0.43 -14.80
N ALA A 230 19.95 0.55 -15.79
CA ALA A 230 21.35 0.26 -15.55
C ALA A 230 21.92 1.19 -14.49
N ASN A 231 21.56 2.48 -14.55
CA ASN A 231 21.98 3.45 -13.54
C ASN A 231 21.47 3.05 -12.16
N TYR A 232 20.22 2.60 -12.08
CA TYR A 232 19.66 2.16 -10.80
C TYR A 232 20.45 0.98 -10.22
N ILE A 233 20.73 -0.02 -11.06
CA ILE A 233 21.47 -1.19 -10.58
C ILE A 233 22.89 -0.78 -10.18
N PHE A 234 23.50 0.14 -10.93
CA PHE A 234 24.84 0.62 -10.56
C PHE A 234 24.81 1.29 -9.18
N TRP A 235 23.84 2.16 -8.94
CA TRP A 235 23.67 2.74 -7.61
C TRP A 235 23.54 1.64 -6.54
N ARG A 236 22.63 0.69 -6.73
CA ARG A 236 22.45 -0.36 -5.72
C ARG A 236 23.73 -1.18 -5.53
N ASN A 237 24.45 -1.46 -6.61
CA ASN A 237 25.66 -2.29 -6.53
C ASN A 237 26.78 -1.60 -5.76
N THR A 238 26.84 -0.28 -5.79
CA THR A 238 27.96 0.45 -5.17
C THR A 238 27.57 1.17 -3.89
N ASN A 239 26.32 1.08 -3.44
CA ASN A 239 25.87 1.77 -2.23
C ASN A 239 25.09 0.80 -1.34
N PRO A 240 25.78 0.01 -0.52
CA PRO A 240 25.06 -0.88 0.39
C PRO A 240 24.21 -0.06 1.35
N ILE A 241 22.97 -0.50 1.56
CA ILE A 241 22.04 0.18 2.44
C ILE A 241 21.89 -0.67 3.69
N GLN A 242 22.16 -0.08 4.86
CA GLN A 242 22.06 -0.81 6.12
C GLN A 242 20.59 -1.11 6.40
N LEU A 243 20.27 -2.39 6.61
CA LEU A 243 18.91 -2.74 6.98
C LEU A 243 18.49 -2.03 8.27
N SER A 244 17.26 -1.53 8.29
CA SER A 244 16.84 -0.76 9.46
C SER A 244 15.33 -0.72 9.58
N SER A 245 14.84 -0.96 10.81
CA SER A 245 13.43 -0.79 11.16
CA SER A 245 13.44 -0.80 11.15
C SER A 245 13.19 0.43 12.01
N TYR A 246 14.21 1.30 12.18
CA TYR A 246 14.11 2.39 13.16
CA TYR A 246 14.09 2.38 13.17
C TYR A 246 12.86 3.23 12.95
N SER A 247 12.57 3.60 11.70
CA SER A 247 11.49 4.57 11.49
C SER A 247 10.12 3.98 11.82
N LEU A 248 10.02 2.66 11.98
CA LEU A 248 8.72 2.04 12.29
C LEU A 248 8.26 2.40 13.67
N PHE A 249 9.18 2.79 14.55
CA PHE A 249 8.85 2.98 15.94
C PHE A 249 8.31 4.36 16.25
N ASP A 250 8.35 5.31 15.31
CA ASP A 250 7.78 6.64 15.52
C ASP A 250 6.72 6.89 14.46
N MET A 251 5.46 6.71 14.85
CA MET A 251 4.32 6.87 13.97
C MET A 251 3.54 8.14 14.26
N SER A 252 4.10 9.04 15.09
CA SER A 252 3.32 10.19 15.54
C SER A 252 2.95 11.12 14.39
N LYS A 253 3.76 11.18 13.34
CA LYS A 253 3.46 12.06 12.22
C LYS A 253 3.18 11.27 10.94
N PHE A 254 2.65 10.05 11.10
CA PHE A 254 2.44 9.18 9.94
C PHE A 254 1.34 9.67 8.99
N PRO A 255 0.17 10.10 9.44
CA PRO A 255 -0.93 10.32 8.48
C PRO A 255 -0.60 11.39 7.44
N LEU A 256 -1.02 11.13 6.20
CA LEU A 256 -0.84 12.07 5.11
C LEU A 256 -1.59 13.37 5.40
N LYS A 257 -0.90 14.50 5.23
CA LYS A 257 -1.52 15.80 5.51
C LYS A 257 -2.66 16.08 4.55
N LEU A 258 -3.83 16.43 5.09
CA LEU A 258 -4.99 16.75 4.27
C LEU A 258 -4.79 18.17 3.77
N ARG A 259 -4.38 18.31 2.51
CA ARG A 259 -3.97 19.61 1.98
C ARG A 259 -5.10 20.38 1.31
N GLY A 260 -6.23 19.74 1.03
CA GLY A 260 -7.32 20.42 0.34
C GLY A 260 -7.00 20.84 -1.08
N THR A 261 -6.12 20.09 -1.75
CA THR A 261 -5.59 20.51 -3.05
C THR A 261 -6.73 20.73 -4.05
N ALA A 262 -6.66 21.86 -4.75
CA ALA A 262 -7.71 22.22 -5.69
C ALA A 262 -7.80 21.20 -6.82
N VAL A 263 -9.03 20.89 -7.21
CA VAL A 263 -9.31 20.03 -8.35
C VAL A 263 -10.07 20.85 -9.38
N MET A 264 -9.56 20.90 -10.60
CA MET A 264 -10.20 21.62 -11.68
C MET A 264 -10.30 20.74 -12.91
N SER A 265 -11.34 20.98 -13.69
CA SER A 265 -11.48 20.38 -15.00
C SER A 265 -10.97 21.35 -16.05
N LEU A 266 -9.96 20.92 -16.82
CA LEU A 266 -9.44 21.72 -17.92
C LEU A 266 -9.16 20.85 -19.13
N LYS A 267 -9.46 21.40 -20.31
CA LYS A 267 -9.14 20.71 -21.56
C LYS A 267 -7.70 21.05 -21.93
N GLU A 268 -7.07 20.13 -22.68
CA GLU A 268 -5.62 20.16 -22.88
C GLU A 268 -5.11 21.51 -23.39
N GLY A 269 -5.98 22.35 -23.94
CA GLY A 269 -5.56 23.63 -24.47
C GLY A 269 -5.38 24.74 -23.45
N GLN A 270 -5.83 24.54 -22.22
CA GLN A 270 -5.69 25.54 -21.17
C GLN A 270 -4.57 25.21 -20.18
N ILE A 271 -3.84 24.12 -20.39
CA ILE A 271 -2.71 23.80 -19.53
C ILE A 271 -1.52 24.64 -19.98
N ASN A 272 -1.42 25.85 -19.45
CA ASN A 272 -0.32 26.75 -19.75
C ASN A 272 0.83 26.51 -18.77
N ASP A 273 1.91 27.28 -18.92
CA ASP A 273 3.06 27.09 -18.06
C ASP A 273 2.76 27.50 -16.62
N MET A 274 1.80 28.42 -16.42
CA MET A 274 1.38 28.74 -15.06
C MET A 274 0.64 27.56 -14.42
N ILE A 275 -0.21 26.88 -15.20
CA ILE A 275 -0.86 25.67 -14.70
C ILE A 275 0.16 24.58 -14.45
N LEU A 276 1.10 24.40 -15.39
CA LEU A 276 2.13 23.40 -15.24
C LEU A 276 2.97 23.64 -13.99
N SER A 277 3.14 24.90 -13.59
CA SER A 277 3.93 25.19 -12.40
C SER A 277 3.16 24.86 -11.12
N LEU A 278 1.85 25.11 -11.11
CA LEU A 278 1.03 24.69 -9.98
C LEU A 278 1.01 23.18 -9.85
N LEU A 279 0.86 22.47 -10.97
CA LEU A 279 0.92 21.01 -10.97
C LEU A 279 2.25 20.52 -10.40
N SER A 280 3.35 21.18 -10.79
CA SER A 280 4.67 20.75 -10.37
C SER A 280 4.91 20.95 -8.88
N LYS A 281 4.17 21.85 -8.25
CA LYS A 281 4.31 22.14 -6.83
C LYS A 281 3.35 21.35 -5.95
N GLY A 282 2.61 20.40 -6.51
CA GLY A 282 1.66 19.68 -5.69
C GLY A 282 0.46 20.50 -5.29
N ARG A 283 0.15 21.57 -6.04
CA ARG A 283 -0.89 22.51 -5.67
C ARG A 283 -2.15 22.38 -6.52
N LEU A 284 -2.21 21.41 -7.43
CA LEU A 284 -3.36 21.33 -8.32
C LEU A 284 -3.53 19.91 -8.84
N ILE A 285 -4.79 19.47 -8.92
CA ILE A 285 -5.19 18.23 -9.56
C ILE A 285 -6.13 18.58 -10.71
N ILE A 286 -5.93 17.98 -11.87
CA ILE A 286 -6.79 18.23 -13.02
C ILE A 286 -7.47 16.93 -13.42
N ARG A 287 -8.78 16.87 -13.22
CA ARG A 287 -9.62 15.74 -13.60
C ARG A 287 -11.06 16.15 -13.34
N GLU A 288 -11.99 15.31 -13.79
CA GLU A 288 -13.37 15.49 -13.41
C GLU A 288 -13.55 15.11 -11.95
N ASN A 289 -14.66 15.57 -11.37
CA ASN A 289 -14.98 15.23 -9.99
C ASN A 289 -16.31 14.49 -9.94
N ASN A 290 -16.59 13.71 -10.97
CA ASN A 290 -17.82 12.93 -11.01
C ASN A 290 -17.73 11.69 -10.14
N ARG A 291 -18.50 10.68 -10.48
CA ARG A 291 -18.67 9.50 -9.67
C ARG A 291 -17.59 8.47 -10.05
N VAL A 292 -17.07 7.76 -9.06
CA VAL A 292 -16.04 6.75 -9.28
C VAL A 292 -16.71 5.42 -9.59
N VAL A 293 -16.45 4.92 -10.80
CA VAL A 293 -17.05 3.69 -11.30
C VAL A 293 -15.94 2.81 -11.87
N ILE A 294 -15.91 1.54 -11.44
CA ILE A 294 -14.88 0.59 -11.84
C ILE A 294 -15.54 -0.70 -12.31
N SER A 295 -14.77 -1.50 -13.03
CA SER A 295 -15.28 -2.81 -13.45
C SER A 295 -14.12 -3.72 -13.80
N SER A 296 -14.41 -5.02 -13.78
CA SER A 296 -13.47 -6.03 -14.23
C SER A 296 -14.10 -6.80 -15.40
N ASP A 297 -13.38 -6.88 -16.50
CA ASP A 297 -13.82 -7.66 -17.66
C ASP A 297 -13.81 -9.14 -17.31
N VAL A 298 -14.92 -9.82 -17.63
CA VAL A 298 -15.04 -11.25 -17.39
C VAL A 298 -15.09 -11.97 -18.73
N LEU A 299 -14.17 -12.92 -18.87
CA LEU A 299 -14.03 -13.77 -20.04
C LEU A 299 -14.96 -14.97 -19.84
N VAL A 300 -15.97 -15.10 -20.71
CA VAL A 300 -17.00 -16.14 -20.54
C VAL A 300 -16.69 -17.34 -21.44
N ASN A 301 -16.49 -18.52 -20.88
CA ASN A 301 -16.35 -19.66 -21.78
C ASN A 301 -16.93 -20.92 -21.14
N ASN A 302 -16.87 -22.01 -21.90
CA ASN A 302 -17.46 -23.28 -21.51
C ASN A 302 -16.65 -23.86 -20.37
N ALA B 21 -34.58 -24.09 7.26
CA ALA B 21 -34.13 -23.68 8.59
C ALA B 21 -32.62 -23.91 8.76
N PHE B 22 -32.02 -24.66 7.83
CA PHE B 22 -30.59 -24.94 7.93
C PHE B 22 -29.77 -23.68 7.69
N ALA B 23 -28.82 -23.42 8.58
CA ALA B 23 -27.83 -22.37 8.40
C ALA B 23 -26.52 -22.85 8.97
N VAL B 24 -25.43 -22.60 8.24
CA VAL B 24 -24.11 -22.89 8.77
C VAL B 24 -23.82 -21.91 9.91
N ASP B 25 -23.34 -22.43 11.03
CA ASP B 25 -23.05 -21.63 12.22
C ASP B 25 -21.54 -21.60 12.41
N ALA B 26 -20.88 -20.72 11.67
CA ALA B 26 -19.42 -20.68 11.70
C ALA B 26 -18.89 -20.21 13.05
N ALA B 27 -19.59 -19.27 13.68
CA ALA B 27 -19.16 -18.76 14.98
C ALA B 27 -19.09 -19.89 16.01
N LYS B 28 -20.17 -20.69 16.10
CA LYS B 28 -20.15 -21.83 17.00
C LYS B 28 -19.05 -22.81 16.61
N ALA B 29 -18.86 -23.04 15.31
CA ALA B 29 -17.85 -24.00 14.87
C ALA B 29 -16.44 -23.54 15.26
N TYR B 30 -16.16 -22.25 15.15
CA TYR B 30 -14.85 -21.75 15.53
C TYR B 30 -14.65 -21.81 17.04
N LYS B 31 -15.67 -21.41 17.81
CA LYS B 31 -15.60 -21.50 19.26
C LYS B 31 -15.35 -22.94 19.72
N ASP B 32 -16.08 -23.90 19.12
CA ASP B 32 -15.88 -25.30 19.49
C ASP B 32 -14.50 -25.79 19.04
N TYR B 33 -14.03 -25.31 17.89
CA TYR B 33 -12.70 -25.65 17.43
C TYR B 33 -11.64 -25.12 18.39
N LEU B 34 -11.81 -23.89 18.86
CA LEU B 34 -10.87 -23.32 19.82
C LEU B 34 -10.87 -24.11 21.13
N ALA B 35 -12.07 -24.42 21.64
CA ALA B 35 -12.17 -25.11 22.92
C ALA B 35 -11.58 -26.51 22.85
N SER B 36 -11.63 -27.15 21.69
CA SER B 36 -10.97 -28.43 21.50
C SER B 36 -9.47 -28.30 21.31
N GLY B 37 -8.91 -27.11 21.47
CA GLY B 37 -7.48 -26.93 21.37
C GLY B 37 -6.94 -26.63 19.99
N GLY B 38 -7.77 -26.08 19.09
CA GLY B 38 -7.30 -25.73 17.76
C GLY B 38 -6.53 -24.43 17.73
N GLN B 39 -5.56 -24.36 16.82
CA GLN B 39 -4.75 -23.15 16.67
C GLN B 39 -5.60 -22.01 16.11
N PRO B 40 -5.57 -20.83 16.72
CA PRO B 40 -6.38 -19.70 16.23
C PRO B 40 -6.02 -19.28 14.81
N ILE B 41 -6.98 -18.64 14.15
CA ILE B 41 -6.76 -18.08 12.82
C ILE B 41 -5.58 -17.11 12.87
N THR B 42 -4.67 -17.24 11.90
CA THR B 42 -3.44 -16.47 11.85
C THR B 42 -3.51 -15.40 10.75
N ASN B 43 -2.42 -14.63 10.64
CA ASN B 43 -2.22 -13.64 9.58
C ASN B 43 -3.22 -12.50 9.64
N CYS B 44 -3.77 -12.25 10.83
CA CYS B 44 -4.44 -10.97 11.05
C CYS B 44 -3.41 -9.86 10.88
N VAL B 45 -3.82 -8.74 10.29
CA VAL B 45 -2.86 -7.72 9.83
C VAL B 45 -2.65 -6.73 10.98
N LYS B 46 -1.50 -6.82 11.66
CA LYS B 46 -1.22 -5.94 12.79
C LYS B 46 -0.57 -4.65 12.30
N MET B 47 -1.05 -3.51 12.79
CA MET B 47 -0.59 -2.21 12.31
C MET B 47 0.49 -1.65 13.22
N LEU B 48 1.38 -0.87 12.63
CA LEU B 48 2.25 0.01 13.42
C LEU B 48 1.46 1.23 13.87
N CYS B 49 1.64 1.62 15.13
CA CYS B 49 0.91 2.79 15.64
C CYS B 49 1.62 3.27 16.89
N THR B 50 1.15 4.41 17.43
CA THR B 50 1.80 5.02 18.59
C THR B 50 1.52 4.29 19.89
N HIS B 51 0.41 3.56 19.97
CA HIS B 51 -0.09 2.96 21.21
C HIS B 51 -0.35 4.02 22.28
N THR B 52 -0.74 5.21 21.83
CA THR B 52 -1.24 6.28 22.70
C THR B 52 -2.63 6.73 22.26
N GLY B 53 -3.42 5.80 21.70
CA GLY B 53 -4.72 6.12 21.17
C GLY B 53 -5.82 5.96 22.21
N THR B 54 -7.06 6.16 21.74
CA THR B 54 -8.21 6.19 22.64
C THR B 54 -8.51 4.85 23.29
N GLY B 55 -8.11 3.75 22.66
CA GLY B 55 -8.43 2.45 23.20
C GLY B 55 -9.81 1.93 22.84
N GLN B 56 -10.60 2.68 22.07
CA GLN B 56 -11.91 2.22 21.66
C GLN B 56 -11.79 1.01 20.74
N ALA B 57 -12.89 0.25 20.65
CA ALA B 57 -12.83 -1.11 20.10
C ALA B 57 -12.62 -1.11 18.58
N ILE B 58 -13.41 -0.33 17.85
CA ILE B 58 -13.47 -0.37 16.40
C ILE B 58 -13.46 1.07 15.89
N THR B 59 -12.42 1.45 15.15
CA THR B 59 -12.15 2.86 14.89
C THR B 59 -11.75 3.07 13.43
N VAL B 60 -11.77 4.34 13.00
CA VAL B 60 -11.48 4.62 11.60
C VAL B 60 -9.99 4.61 11.29
N THR B 61 -9.13 4.80 12.29
CA THR B 61 -7.69 4.63 12.20
C THR B 61 -7.25 3.88 13.45
N PRO B 62 -6.04 3.31 13.46
CA PRO B 62 -5.59 2.59 14.66
C PRO B 62 -5.64 3.46 15.90
N GLU B 63 -6.23 2.89 16.97
CA GLU B 63 -6.38 3.62 18.23
C GLU B 63 -5.91 2.80 19.43
N ALA B 64 -5.00 1.85 19.22
CA ALA B 64 -4.50 1.06 20.34
C ALA B 64 -3.91 1.97 21.41
N ASN B 65 -4.14 1.60 22.68
CA ASN B 65 -3.43 2.23 23.78
C ASN B 65 -2.25 1.35 24.16
N MET B 66 -1.64 1.63 25.33
CA MET B 66 -0.45 0.88 25.73
CA MET B 66 -0.47 0.89 25.77
C MET B 66 -0.76 -0.60 25.96
N ASP B 67 -2.02 -0.95 26.21
CA ASP B 67 -2.43 -2.31 26.52
C ASP B 67 -3.04 -3.06 25.34
N GLN B 68 -2.97 -2.50 24.13
CA GLN B 68 -3.66 -3.08 22.98
C GLN B 68 -2.76 -3.13 21.77
N GLU B 69 -3.16 -3.96 20.80
CA GLU B 69 -2.64 -3.93 19.44
C GLU B 69 -3.79 -3.55 18.51
N SER B 70 -3.45 -2.90 17.39
CA SER B 70 -4.43 -2.50 16.39
C SER B 70 -4.27 -3.38 15.15
N PHE B 71 -5.39 -3.83 14.61
CA PHE B 71 -5.38 -4.70 13.44
C PHE B 71 -6.30 -4.17 12.34
N GLY B 72 -5.93 -4.45 11.09
CA GLY B 72 -6.84 -4.21 9.99
C GLY B 72 -8.10 -5.03 10.19
N GLY B 73 -9.26 -4.40 10.01
CA GLY B 73 -10.51 -5.00 10.46
C GLY B 73 -10.92 -6.23 9.66
N ALA B 74 -10.85 -6.15 8.32
CA ALA B 74 -11.27 -7.30 7.51
C ALA B 74 -10.52 -8.57 7.90
N SER B 75 -9.22 -8.47 8.19
CA SER B 75 -8.43 -9.64 8.51
C SER B 75 -8.79 -10.25 9.87
N CYS B 76 -9.59 -9.57 10.68
CA CYS B 76 -9.99 -10.08 11.99
C CYS B 76 -11.43 -10.53 12.03
N CYS B 77 -12.10 -10.57 10.87
CA CYS B 77 -13.52 -10.91 10.79
C CYS B 77 -13.66 -12.36 10.36
N LEU B 78 -14.35 -13.16 11.18
CA LEU B 78 -14.49 -14.58 10.86
C LEU B 78 -15.14 -14.78 9.51
N TYR B 79 -16.15 -13.98 9.19
CA TYR B 79 -16.90 -14.16 7.95
C TYR B 79 -16.10 -13.72 6.75
N CYS B 80 -15.42 -12.58 6.86
CA CYS B 80 -14.47 -12.17 5.83
C CYS B 80 -13.44 -13.26 5.55
N ARG B 81 -12.80 -13.77 6.62
CA ARG B 81 -11.67 -14.67 6.45
C ARG B 81 -12.09 -16.05 5.94
N CYS B 82 -13.28 -16.51 6.31
CA CYS B 82 -13.78 -17.82 5.90
C CYS B 82 -14.56 -17.78 4.60
N HIS B 83 -14.77 -16.59 4.02
CA HIS B 83 -15.52 -16.41 2.78
C HIS B 83 -16.95 -16.96 2.93
N ILE B 84 -17.63 -16.46 3.95
CA ILE B 84 -19.02 -16.85 4.18
C ILE B 84 -19.84 -15.59 4.45
N ASP B 85 -21.15 -15.75 4.35
CA ASP B 85 -22.03 -14.60 4.48
C ASP B 85 -21.99 -14.05 5.91
N HIS B 86 -22.12 -12.74 6.01
CA HIS B 86 -22.20 -12.15 7.33
C HIS B 86 -23.58 -12.37 7.92
N PRO B 87 -23.67 -12.68 9.21
CA PRO B 87 -24.96 -13.09 9.82
C PRO B 87 -25.84 -11.90 10.20
N ASN B 88 -26.39 -11.26 9.18
CA ASN B 88 -27.42 -10.24 9.33
C ASN B 88 -28.09 -10.05 7.98
N PRO B 89 -29.31 -9.50 7.95
CA PRO B 89 -30.04 -9.41 6.67
C PRO B 89 -29.27 -8.73 5.55
N LYS B 90 -28.66 -7.58 5.82
CA LYS B 90 -27.95 -6.84 4.79
C LYS B 90 -26.60 -7.44 4.43
N GLY B 91 -26.10 -8.39 5.20
CA GLY B 91 -24.78 -8.94 4.96
C GLY B 91 -23.64 -7.97 5.19
N PHE B 92 -23.85 -6.96 6.03
CA PHE B 92 -22.88 -5.91 6.27
C PHE B 92 -21.83 -6.36 7.28
N CYS B 93 -20.62 -5.81 7.16
CA CYS B 93 -19.51 -6.16 8.04
C CYS B 93 -19.12 -4.97 8.90
N ASP B 94 -19.04 -5.18 10.21
CA ASP B 94 -18.72 -4.12 11.15
C ASP B 94 -17.23 -3.84 11.26
N LEU B 95 -16.39 -4.70 10.68
CA LEU B 95 -14.95 -4.58 10.85
C LEU B 95 -14.22 -4.14 9.60
N LYS B 96 -14.68 -4.57 8.43
CA LYS B 96 -13.95 -4.32 7.20
C LYS B 96 -13.87 -2.82 6.91
N GLY B 97 -12.67 -2.35 6.55
CA GLY B 97 -12.44 -0.94 6.32
C GLY B 97 -12.16 -0.13 7.57
N LYS B 98 -12.16 -0.75 8.73
CA LYS B 98 -11.87 -0.13 10.02
C LYS B 98 -10.65 -0.81 10.64
N TYR B 99 -10.32 -0.39 11.86
CA TYR B 99 -9.25 -0.99 12.66
C TYR B 99 -9.85 -1.47 13.97
N VAL B 100 -9.44 -2.66 14.39
CA VAL B 100 -9.94 -3.23 15.65
C VAL B 100 -8.79 -3.28 16.65
N GLN B 101 -9.06 -2.79 17.86
CA GLN B 101 -8.10 -2.82 18.96
C GLN B 101 -8.33 -4.09 19.77
N ILE B 102 -7.27 -4.85 19.99
CA ILE B 102 -7.33 -6.12 20.70
C ILE B 102 -6.42 -6.00 21.90
N PRO B 103 -6.87 -6.35 23.11
CA PRO B 103 -5.96 -6.44 24.25
C PRO B 103 -4.75 -7.28 23.91
N THR B 104 -3.57 -6.77 24.28
CA THR B 104 -2.33 -7.47 23.92
C THR B 104 -2.33 -8.89 24.44
N THR B 105 -2.95 -9.14 25.60
CA THR B 105 -3.01 -10.50 26.13
C THR B 105 -3.89 -11.42 25.30
N CYS B 106 -4.75 -10.87 24.45
CA CYS B 106 -5.63 -11.66 23.58
C CYS B 106 -5.24 -11.55 22.12
N ALA B 107 -4.11 -10.92 21.80
CA ALA B 107 -3.80 -10.64 20.40
C ALA B 107 -3.34 -11.87 19.63
N ASN B 108 -3.15 -13.01 20.30
CA ASN B 108 -2.86 -14.26 19.60
C ASN B 108 -4.06 -14.79 18.83
N ASP B 109 -5.26 -14.27 19.09
CA ASP B 109 -6.48 -14.76 18.43
C ASP B 109 -7.44 -13.59 18.26
N PRO B 110 -7.14 -12.65 17.35
CA PRO B 110 -8.05 -11.52 17.16
C PRO B 110 -9.43 -11.93 16.67
N VAL B 111 -9.52 -12.95 15.81
CA VAL B 111 -10.84 -13.34 15.31
C VAL B 111 -11.71 -13.85 16.45
N GLY B 112 -11.16 -14.74 17.28
CA GLY B 112 -11.91 -15.25 18.43
C GLY B 112 -12.30 -14.14 19.39
N PHE B 113 -11.42 -13.16 19.59
CA PHE B 113 -11.76 -12.07 20.49
C PHE B 113 -12.94 -11.26 19.97
N THR B 114 -12.93 -10.89 18.68
CA THR B 114 -14.01 -10.06 18.17
C THR B 114 -15.32 -10.84 18.13
N LEU B 115 -15.22 -12.15 17.96
CA LEU B 115 -16.41 -13.00 17.93
C LEU B 115 -17.05 -13.09 19.30
N LYS B 116 -16.23 -13.18 20.36
CA LYS B 116 -16.70 -13.48 21.70
C LYS B 116 -17.06 -12.25 22.51
N ASN B 117 -16.77 -11.04 22.04
CA ASN B 117 -16.89 -9.85 22.87
C ASN B 117 -17.83 -8.84 22.26
N THR B 118 -18.23 -7.86 23.06
CA THR B 118 -19.22 -6.88 22.66
C THR B 118 -18.71 -5.48 22.94
N VAL B 119 -19.07 -4.55 22.08
CA VAL B 119 -18.66 -3.15 22.17
C VAL B 119 -19.74 -2.38 22.92
N CYS B 120 -19.34 -1.62 23.94
CA CYS B 120 -20.29 -0.79 24.66
C CYS B 120 -20.80 0.33 23.74
N THR B 121 -22.12 0.47 23.66
CA THR B 121 -22.71 1.40 22.70
C THR B 121 -22.60 2.86 23.14
N VAL B 122 -22.21 3.16 24.37
CA VAL B 122 -22.12 4.54 24.80
C VAL B 122 -20.66 5.02 24.88
N CYS B 123 -19.73 4.18 25.30
CA CYS B 123 -18.34 4.61 25.39
C CYS B 123 -17.46 4.09 24.25
N GLY B 124 -17.93 3.09 23.49
CA GLY B 124 -17.17 2.57 22.38
C GLY B 124 -16.06 1.61 22.75
N MET B 125 -15.85 1.34 24.04
CA MET B 125 -14.83 0.39 24.48
C MET B 125 -15.40 -1.02 24.53
N TRP B 126 -14.50 -2.00 24.59
CA TRP B 126 -14.91 -3.39 24.78
C TRP B 126 -15.48 -3.57 26.19
N LYS B 127 -16.65 -4.18 26.27
CA LYS B 127 -17.17 -4.59 27.58
C LYS B 127 -16.18 -5.53 28.24
N GLY B 128 -15.80 -5.20 29.48
CA GLY B 128 -14.84 -5.98 30.21
C GLY B 128 -13.39 -5.75 29.86
N TYR B 129 -13.11 -4.89 28.89
CA TYR B 129 -11.73 -4.61 28.48
C TYR B 129 -11.55 -3.12 28.20
N GLY B 130 -12.15 -2.29 29.04
CA GLY B 130 -12.02 -0.85 28.88
C GLY B 130 -13.27 -0.08 29.21
N CYS B 131 -14.43 -0.71 29.06
CA CYS B 131 -15.69 -0.04 29.39
C CYS B 131 -15.82 0.08 30.90
N SER B 132 -15.99 1.31 31.39
CA SER B 132 -16.13 1.58 32.81
C SER B 132 -17.50 2.15 33.14
N CYS B 133 -18.49 1.91 32.27
CA CYS B 133 -19.80 2.53 32.41
C CYS B 133 -20.61 1.97 33.57
N ASP B 134 -20.21 0.85 34.15
CA ASP B 134 -21.00 0.17 35.17
C ASP B 134 -20.43 0.29 36.58
N GLN B 135 -19.21 0.79 36.75
CA GLN B 135 -18.57 0.83 38.05
C GLN B 135 -19.27 1.77 39.02
O1 MES C . 8.95 16.70 -3.20
C2 MES C . 9.96 17.35 -2.40
C3 MES C . 11.41 16.97 -2.79
N4 MES C . 11.55 17.02 -4.24
C5 MES C . 10.53 16.34 -5.02
C6 MES C . 9.14 16.83 -4.60
C7 MES C . 12.89 16.79 -4.79
C8 MES C . 13.91 17.70 -4.10
S MES C . 15.50 17.40 -4.56
O1S MES C . 15.67 17.11 -6.02
O2S MES C . 15.96 16.26 -3.72
O3S MES C . 16.31 18.59 -4.24
C11 A1H28 D . -0.15 -9.83 -7.84
C12 A1H28 D . 0.11 -11.22 -7.26
C14 A1H28 D . 0.50 -10.92 -5.82
C17 A1H28 D . 0.88 -9.45 -5.81
C18 A1H28 D . 2.28 -9.20 -5.28
C2 A1H28 D . -2.93 -8.60 -11.04
C20 A1H28 D . 4.15 -11.26 -5.43
C21 A1H28 D . 3.53 -12.50 -5.28
C22 A1H28 D . 4.14 -13.49 -4.54
C23 A1H28 D . 5.37 -13.26 -3.95
C24 A1H28 D . 6.00 -12.02 -4.10
C25 A1H28 D . 5.38 -11.01 -4.84
C26 A1H28 D . 7.33 -11.74 -3.47
C4 A1H28 D . -1.21 -9.09 -12.54
C6 A1H28 D . -0.40 -9.46 -11.45
C7 A1H28 D . -0.93 -9.38 -10.17
C9 A1H28 D . 1.12 -10.10 -10.01
N1 A1H28 D . -2.19 -8.95 -9.97
N10 A1H28 D . 0.03 -9.78 -9.31
N3 A1H28 D . -2.47 -8.67 -12.30
N5 A1H28 D . -0.75 -9.15 -13.82
N8 A1H28 D . 0.88 -9.90 -11.33
O13 A1H28 D . -1.06 -12.07 -7.39
O15 A1H28 D . -0.60 -11.12 -4.91
O16 A1H28 D . 0.79 -8.99 -7.16
O28 A1H28 D . 7.39 -10.88 -2.57
O29 A1H28 D . 8.34 -12.35 -3.89
S19 A1H28 D . 3.40 -10.04 -6.33
CL1 A1H28 D . 6.12 -14.58 -3.00
C1 GOL E . -6.43 2.07 -18.84
O1 GOL E . -5.66 1.16 -19.53
C2 GOL E . -7.87 1.52 -18.89
O2 GOL E . -7.89 0.12 -18.88
C3 GOL E . -8.58 2.11 -17.65
O3 GOL E . -9.95 2.03 -17.89
ZN ZN F . -16.39 -9.23 7.65
ZN ZN G . -19.14 1.74 28.24
C1 GOL H . -18.79 -5.43 17.03
O1 GOL H . -19.45 -4.66 16.06
C2 GOL H . -18.95 -6.90 16.62
O2 GOL H . -18.04 -7.27 15.63
C3 GOL H . -18.75 -7.71 17.92
O3 GOL H . -17.41 -8.07 17.99
#